data_9DQF
#
_entry.id   9DQF
#
_cell.length_a   95.980
_cell.length_b   95.980
_cell.length_c   277.827
_cell.angle_alpha   90.00
_cell.angle_beta   90.00
_cell.angle_gamma   120.00
#
_symmetry.space_group_name_H-M   'H 3 2'
#
loop_
_entity.id
_entity.type
_entity.pdbx_description
1 polymer 'Bifunctional protein GlmU'
2 non-polymer 'ACETYL COENZYME *A'
3 non-polymer 'CITRIC ACID'
4 water water
#
_entity_poly.entity_id   1
_entity_poly.type   'polypeptide(L)'
_entity_poly.pdbx_seq_one_letter_code
;MGHHHHHHGSMRRHAIILAAGKGTRMKSKKYKVLHEVAGKPMVEHVLESVKGSGVDQVVTIVGHGAESVKGHLGERSLYS
FQEEQLGTAHAVQMAKSHLEDKEGTTIVVCGDTPLITKETLVTLIAHHEDANAQATVLSASIQQPYGYGRIVRNASGRLE
RIVEEKDATQAEKDINEISSGIFAFNNKTLFEKLTQVKNDNAQGEYYLPDVLSLILNDGGIVEVYRTNDVEEIMGVNDRV
MLSQAEKAMQRRTNHYHMLNGVTIIDPDSTYIGPDVTIGSDTVIEPGVRINGRTEIGEDVVIGQYSEINNSTIENGACIQ
QSVVNDASVGANTKVGPFAQLRPGAQLGADVKVGNFVEIKKADLKDGAKVSHLSYIGDAVIGERTNIGCGTITVNYDGEN
KFKTIVGKDSFVGCNVNLVAPVTIGDDVLVAAGSTITDDVPNDSLAVARARQTTKEGYRK
;
_entity_poly.pdbx_strand_id   A
#
# COMPACT_ATOMS: atom_id res chain seq x y z
N ARG A 12 -8.21 24.07 -10.57
CA ARG A 12 -8.88 23.94 -11.86
C ARG A 12 -9.21 22.48 -12.19
N ARG A 13 -8.82 21.56 -11.31
CA ARG A 13 -9.12 20.13 -11.50
C ARG A 13 -9.56 19.54 -10.16
N HIS A 14 -10.69 18.84 -10.18
CA HIS A 14 -11.30 18.28 -8.98
C HIS A 14 -11.68 16.82 -9.23
N ALA A 15 -11.99 16.12 -8.15
CA ALA A 15 -12.35 14.72 -8.29
C ALA A 15 -13.39 14.33 -7.25
N ILE A 16 -14.32 13.48 -7.68
CA ILE A 16 -15.35 12.92 -6.81
C ILE A 16 -15.17 11.40 -6.84
N ILE A 17 -14.89 10.82 -5.66
CA ILE A 17 -14.66 9.38 -5.54
C ILE A 17 -15.88 8.77 -4.85
N LEU A 18 -16.58 7.86 -5.53
CA LEU A 18 -17.75 7.21 -4.96
C LEU A 18 -17.31 6.07 -4.06
N ALA A 19 -17.59 6.20 -2.76
CA ALA A 19 -17.18 5.22 -1.76
C ALA A 19 -18.33 4.73 -0.88
N ALA A 20 -19.59 4.99 -1.25
CA ALA A 20 -20.70 4.66 -0.36
C ALA A 20 -21.27 3.28 -0.61
N GLY A 21 -20.75 2.56 -1.62
CA GLY A 21 -21.25 1.24 -1.96
C GLY A 21 -21.28 0.25 -0.81
N LYS A 22 -22.42 -0.44 -0.66
CA LYS A 22 -22.53 -1.48 0.35
C LYS A 22 -21.70 -2.71 0.01
N GLY A 23 -21.55 -3.00 -1.29
CA GLY A 23 -20.85 -4.19 -1.74
C GLY A 23 -21.41 -5.44 -1.09
N THR A 24 -22.66 -5.77 -1.39
CA THR A 24 -23.34 -6.86 -0.68
C THR A 24 -22.69 -8.21 -0.96
N ARG A 25 -22.25 -8.46 -2.21
CA ARG A 25 -21.58 -9.70 -2.59
C ARG A 25 -20.26 -9.92 -1.87
N MET A 26 -19.71 -8.89 -1.23
CA MET A 26 -18.49 -9.02 -0.45
C MET A 26 -18.73 -9.81 0.83
N LYS A 27 -19.99 -9.92 1.27
CA LYS A 27 -20.35 -10.54 2.55
C LYS A 27 -19.46 -10.01 3.68
N SER A 28 -19.46 -8.69 3.81
CA SER A 28 -18.54 -8.03 4.70
C SER A 28 -19.29 -7.06 5.61
N LYS A 29 -18.71 -6.83 6.78
CA LYS A 29 -19.17 -5.82 7.72
C LYS A 29 -18.49 -4.48 7.49
N LYS A 30 -17.48 -4.43 6.63
CA LYS A 30 -16.73 -3.23 6.28
C LYS A 30 -17.14 -2.71 4.91
N TYR A 31 -16.93 -1.41 4.69
CA TYR A 31 -17.25 -0.82 3.40
C TYR A 31 -16.41 -1.43 2.30
N LYS A 32 -17.01 -1.59 1.10
CA LYS A 32 -16.35 -2.30 0.00
C LYS A 32 -14.99 -1.72 -0.32
N VAL A 33 -14.89 -0.39 -0.43
CA VAL A 33 -13.65 0.21 -0.92
C VAL A 33 -12.52 0.15 0.10
N LEU A 34 -12.79 -0.32 1.32
CA LEU A 34 -11.71 -0.48 2.30
C LEU A 34 -10.96 -1.80 2.19
N HIS A 35 -11.50 -2.79 1.49
CA HIS A 35 -10.76 -4.04 1.29
C HIS A 35 -9.50 -3.77 0.46
N GLU A 36 -8.44 -4.52 0.76
CA GLU A 36 -7.11 -4.18 0.30
C GLU A 36 -6.70 -4.95 -0.94
N VAL A 37 -5.88 -4.30 -1.76
CA VAL A 37 -5.09 -4.91 -2.82
C VAL A 37 -3.66 -4.45 -2.62
N ALA A 38 -2.71 -5.37 -2.76
CA ALA A 38 -1.28 -5.05 -2.64
C ALA A 38 -0.99 -4.23 -1.38
N GLY A 39 -1.69 -4.58 -0.29
CA GLY A 39 -1.41 -4.01 1.00
C GLY A 39 -2.06 -2.68 1.32
N LYS A 40 -2.99 -2.20 0.51
CA LYS A 40 -3.65 -0.94 0.82
C LYS A 40 -5.09 -0.93 0.31
N PRO A 41 -6.00 -0.23 0.99
CA PRO A 41 -7.41 -0.22 0.59
C PRO A 41 -7.61 0.24 -0.85
N MET A 42 -8.62 -0.33 -1.53
CA MET A 42 -8.84 0.04 -2.92
C MET A 42 -9.06 1.53 -3.08
N VAL A 43 -9.72 2.17 -2.12
CA VAL A 43 -9.99 3.61 -2.26
C VAL A 43 -8.69 4.42 -2.22
N GLU A 44 -7.66 3.90 -1.52
CA GLU A 44 -6.37 4.60 -1.50
C GLU A 44 -5.67 4.50 -2.84
N HIS A 45 -5.71 3.33 -3.50
CA HIS A 45 -5.18 3.22 -4.85
C HIS A 45 -5.81 4.27 -5.76
N VAL A 46 -7.15 4.39 -5.71
CA VAL A 46 -7.83 5.37 -6.55
C VAL A 46 -7.41 6.77 -6.18
N LEU A 47 -7.40 7.09 -4.89
CA LEU A 47 -6.96 8.42 -4.47
C LEU A 47 -5.59 8.75 -5.05
N GLU A 48 -4.62 7.83 -4.94
CA GLU A 48 -3.28 8.14 -5.42
C GLU A 48 -3.25 8.31 -6.93
N SER A 49 -4.01 7.49 -7.67
CA SER A 49 -4.09 7.72 -9.11
C SER A 49 -4.71 9.08 -9.41
N VAL A 50 -5.74 9.45 -8.65
CA VAL A 50 -6.40 10.73 -8.87
C VAL A 50 -5.45 11.89 -8.59
N LYS A 51 -4.83 11.88 -7.40
CA LYS A 51 -3.88 12.94 -7.06
C LYS A 51 -2.71 12.95 -8.05
N GLY A 52 -2.21 11.77 -8.43
CA GLY A 52 -1.09 11.69 -9.36
C GLY A 52 -1.42 12.19 -10.75
N SER A 53 -2.71 12.36 -11.06
CA SER A 53 -3.16 12.87 -12.35
C SER A 53 -3.22 14.40 -12.41
N GLY A 54 -2.92 15.10 -11.32
CA GLY A 54 -2.99 16.54 -11.30
C GLY A 54 -4.20 17.12 -10.64
N VAL A 55 -5.01 16.31 -9.98
CA VAL A 55 -6.19 16.82 -9.30
C VAL A 55 -5.78 17.46 -7.98
N ASP A 56 -6.30 18.66 -7.72
CA ASP A 56 -6.00 19.36 -6.48
C ASP A 56 -6.98 18.97 -5.38
N GLN A 57 -8.27 19.18 -5.61
CA GLN A 57 -9.29 18.98 -4.60
C GLN A 57 -10.00 17.66 -4.84
N VAL A 58 -10.15 16.87 -3.79
CA VAL A 58 -10.80 15.56 -3.88
C VAL A 58 -11.95 15.52 -2.87
N VAL A 59 -13.13 15.11 -3.33
CA VAL A 59 -14.26 14.81 -2.47
C VAL A 59 -14.57 13.33 -2.56
N THR A 60 -14.70 12.68 -1.42
CA THR A 60 -15.13 11.28 -1.35
C THR A 60 -16.54 11.21 -0.77
N ILE A 61 -17.43 10.53 -1.49
CA ILE A 61 -18.82 10.35 -1.07
C ILE A 61 -18.91 9.12 -0.17
N VAL A 62 -19.40 9.30 1.06
CA VAL A 62 -19.45 8.23 2.05
C VAL A 62 -20.89 8.00 2.53
N GLY A 63 -21.08 6.87 3.20
CA GLY A 63 -22.36 6.48 3.75
C GLY A 63 -22.41 6.54 5.26
N HIS A 64 -23.42 5.88 5.83
CA HIS A 64 -23.52 5.80 7.28
C HIS A 64 -22.36 5.00 7.85
N GLY A 65 -21.91 5.41 9.03
CA GLY A 65 -20.85 4.70 9.72
C GLY A 65 -19.55 4.61 8.92
N ALA A 66 -19.14 5.72 8.32
CA ALA A 66 -17.96 5.77 7.46
C ALA A 66 -16.74 6.31 8.20
N GLU A 67 -16.69 6.14 9.52
CA GLU A 67 -15.54 6.62 10.28
C GLU A 67 -14.25 5.99 9.76
N SER A 68 -14.31 4.69 9.44
CA SER A 68 -13.10 3.99 8.99
C SER A 68 -12.60 4.53 7.66
N VAL A 69 -13.52 4.91 6.75
CA VAL A 69 -13.10 5.51 5.49
C VAL A 69 -12.42 6.84 5.73
N LYS A 70 -13.08 7.71 6.51
CA LYS A 70 -12.50 9.01 6.83
C LYS A 70 -11.24 8.84 7.65
N GLY A 71 -11.26 7.94 8.63
CA GLY A 71 -10.07 7.68 9.41
C GLY A 71 -8.89 7.27 8.56
N HIS A 72 -9.13 6.45 7.54
CA HIS A 72 -8.00 5.94 6.77
C HIS A 72 -7.49 6.99 5.78
N LEU A 73 -8.40 7.65 5.06
CA LEU A 73 -7.99 8.62 4.06
C LEU A 73 -7.61 9.96 4.69
N GLY A 74 -8.09 10.25 5.90
CA GLY A 74 -7.60 11.40 6.64
C GLY A 74 -7.89 12.72 5.95
N GLU A 75 -6.91 13.63 6.03
CA GLU A 75 -7.09 14.99 5.52
C GLU A 75 -6.86 15.09 4.02
N ARG A 76 -6.43 14.01 3.36
CA ARG A 76 -6.19 14.06 1.93
C ARG A 76 -7.46 14.21 1.11
N SER A 77 -8.64 14.12 1.72
CA SER A 77 -9.88 14.21 0.98
C SER A 77 -10.92 14.99 1.78
N LEU A 78 -11.78 15.71 1.06
CA LEU A 78 -13.01 16.17 1.69
C LEU A 78 -14.04 15.04 1.67
N TYR A 79 -15.12 15.22 2.42
CA TYR A 79 -16.14 14.18 2.58
C TYR A 79 -17.54 14.77 2.44
N SER A 80 -18.43 14.01 1.79
CA SER A 80 -19.85 14.35 1.66
C SER A 80 -20.66 13.09 1.91
N PHE A 81 -21.75 13.24 2.65
CA PHE A 81 -22.52 12.11 3.17
C PHE A 81 -23.72 11.83 2.26
N GLN A 82 -23.89 10.56 1.87
CA GLN A 82 -25.05 10.10 1.12
C GLN A 82 -25.94 9.31 2.07
N GLU A 83 -27.06 9.92 2.50
CA GLU A 83 -27.94 9.27 3.46
C GLU A 83 -28.69 8.10 2.82
N GLU A 84 -29.15 8.28 1.58
CA GLU A 84 -29.89 7.25 0.86
C GLU A 84 -29.14 6.88 -0.41
N GLN A 85 -29.31 5.62 -0.83
CA GLN A 85 -28.70 5.13 -2.07
C GLN A 85 -29.69 5.33 -3.22
N LEU A 86 -29.67 6.52 -3.80
CA LEU A 86 -30.59 6.87 -4.88
C LEU A 86 -29.89 7.03 -6.22
N GLY A 87 -28.76 6.36 -6.40
CA GLY A 87 -28.08 6.29 -7.68
C GLY A 87 -26.82 7.14 -7.71
N THR A 88 -26.07 6.95 -8.80
CA THR A 88 -24.76 7.60 -8.94
C THR A 88 -24.91 9.11 -9.12
N ALA A 89 -25.90 9.54 -9.91
CA ALA A 89 -26.12 10.98 -10.04
C ALA A 89 -26.40 11.60 -8.67
N HIS A 90 -27.25 10.96 -7.87
CA HIS A 90 -27.50 11.45 -6.52
C HIS A 90 -26.21 11.50 -5.69
N ALA A 91 -25.38 10.45 -5.77
CA ALA A 91 -24.15 10.40 -4.98
C ALA A 91 -23.20 11.53 -5.38
N VAL A 92 -23.03 11.76 -6.68
CA VAL A 92 -22.17 12.86 -7.13
C VAL A 92 -22.69 14.21 -6.65
N GLN A 93 -24.01 14.37 -6.58
CA GLN A 93 -24.59 15.64 -6.17
C GLN A 93 -24.24 15.99 -4.74
N MET A 94 -24.07 14.98 -3.87
CA MET A 94 -23.76 15.26 -2.47
C MET A 94 -22.46 16.02 -2.31
N ALA A 95 -21.62 16.05 -3.34
CA ALA A 95 -20.41 16.85 -3.31
C ALA A 95 -20.64 18.34 -3.61
N LYS A 96 -21.91 18.74 -3.85
CA LYS A 96 -22.18 20.13 -4.24
C LYS A 96 -21.76 21.12 -3.15
N SER A 97 -21.87 20.72 -1.88
CA SER A 97 -21.45 21.58 -0.78
C SER A 97 -20.03 22.10 -0.99
N HIS A 98 -19.14 21.25 -1.51
CA HIS A 98 -17.74 21.61 -1.70
C HIS A 98 -17.42 22.13 -3.08
N LEU A 99 -18.15 21.73 -4.12
CA LEU A 99 -17.71 21.97 -5.49
C LEU A 99 -18.67 22.76 -6.36
N GLU A 100 -19.92 22.95 -5.94
CA GLU A 100 -20.95 23.47 -6.85
C GLU A 100 -20.54 24.80 -7.50
N ASP A 101 -19.80 25.64 -6.79
CA ASP A 101 -19.44 26.95 -7.34
C ASP A 101 -18.01 26.99 -7.87
N LYS A 102 -17.38 25.83 -8.08
CA LYS A 102 -16.01 25.80 -8.59
C LYS A 102 -16.00 25.81 -10.12
N GLU A 103 -14.86 26.17 -10.70
CA GLU A 103 -14.67 26.17 -12.14
C GLU A 103 -13.53 25.25 -12.53
N GLY A 104 -13.66 24.60 -13.68
CA GLY A 104 -12.62 23.70 -14.17
C GLY A 104 -13.10 22.28 -14.43
N THR A 105 -12.18 21.32 -14.46
CA THR A 105 -12.51 19.93 -14.75
C THR A 105 -12.76 19.14 -13.47
N THR A 106 -13.73 18.24 -13.52
CA THR A 106 -14.04 17.35 -12.42
C THR A 106 -14.20 15.94 -12.98
N ILE A 107 -13.45 15.00 -12.44
CA ILE A 107 -13.57 13.61 -12.85
C ILE A 107 -14.31 12.85 -11.75
N VAL A 108 -15.10 11.88 -12.18
CA VAL A 108 -15.88 11.03 -11.29
C VAL A 108 -15.36 9.60 -11.45
N VAL A 109 -14.86 9.03 -10.35
CA VAL A 109 -14.35 7.66 -10.34
C VAL A 109 -14.91 6.95 -9.12
N CYS A 110 -14.96 5.62 -9.22
N CYS A 110 -14.98 5.62 -9.21
CA CYS A 110 -15.45 4.78 -8.13
CA CYS A 110 -15.47 4.86 -8.08
C CYS A 110 -14.25 4.30 -7.31
C CYS A 110 -14.30 4.26 -7.31
N GLY A 111 -14.44 4.17 -6.00
CA GLY A 111 -13.38 3.69 -5.16
C GLY A 111 -13.12 2.20 -5.24
N ASP A 112 -13.87 1.47 -6.07
CA ASP A 112 -13.69 0.03 -6.21
C ASP A 112 -12.98 -0.36 -7.51
N THR A 113 -12.23 0.58 -8.10
CA THR A 113 -11.49 0.32 -9.33
C THR A 113 -10.01 0.55 -9.06
N PRO A 114 -9.37 -0.38 -8.33
CA PRO A 114 -8.01 -0.11 -7.82
C PRO A 114 -6.92 -0.15 -8.87
N LEU A 115 -7.17 -0.66 -10.07
CA LEU A 115 -6.12 -0.73 -11.06
C LEU A 115 -6.06 0.51 -11.94
N ILE A 116 -6.92 1.50 -11.72
CA ILE A 116 -6.92 2.70 -12.56
C ILE A 116 -5.57 3.40 -12.46
N THR A 117 -4.98 3.74 -13.62
CA THR A 117 -3.66 4.35 -13.62
C THR A 117 -3.75 5.87 -13.72
N LYS A 118 -2.77 6.54 -13.12
CA LYS A 118 -2.68 7.98 -13.29
C LYS A 118 -2.46 8.37 -14.75
N GLU A 119 -1.73 7.56 -15.52
CA GLU A 119 -1.53 7.89 -16.93
C GLU A 119 -2.85 8.05 -17.67
N THR A 120 -3.79 7.13 -17.42
CA THR A 120 -5.06 7.18 -18.14
C THR A 120 -5.92 8.34 -17.70
N LEU A 121 -5.92 8.65 -16.40
CA LEU A 121 -6.64 9.81 -15.87
C LEU A 121 -6.05 11.12 -16.40
N VAL A 122 -4.73 11.18 -16.53
CA VAL A 122 -4.09 12.36 -17.13
C VAL A 122 -4.59 12.58 -18.54
N THR A 123 -4.49 11.53 -19.39
CA THR A 123 -4.89 11.65 -20.78
C THR A 123 -6.40 11.93 -20.89
N LEU A 124 -7.22 11.27 -20.05
CA LEU A 124 -8.64 11.59 -19.98
C LEU A 124 -8.86 13.08 -19.78
N ILE A 125 -8.16 13.68 -18.82
CA ILE A 125 -8.31 15.10 -18.55
C ILE A 125 -7.80 15.94 -19.71
N ALA A 126 -6.66 15.56 -20.29
CA ALA A 126 -6.11 16.33 -21.40
C ALA A 126 -7.02 16.28 -22.62
N HIS A 127 -7.53 15.10 -22.94
CA HIS A 127 -8.47 14.95 -24.05
C HIS A 127 -9.69 15.84 -23.83
N HIS A 128 -10.28 15.78 -22.63
CA HIS A 128 -11.42 16.62 -22.26
C HIS A 128 -11.10 18.10 -22.46
N GLU A 129 -9.98 18.56 -21.90
CA GLU A 129 -9.68 20.00 -21.93
C GLU A 129 -9.31 20.46 -23.33
N ASP A 130 -8.46 19.71 -24.02
CA ASP A 130 -8.07 20.12 -25.37
C ASP A 130 -9.23 20.13 -26.35
N ALA A 131 -10.33 19.43 -26.04
CA ALA A 131 -11.52 19.43 -26.87
C ALA A 131 -12.53 20.48 -26.47
N ASN A 132 -12.30 21.18 -25.34
CA ASN A 132 -13.28 22.08 -24.75
C ASN A 132 -14.62 21.39 -24.53
N ALA A 133 -14.59 20.09 -24.23
CA ALA A 133 -15.82 19.33 -24.05
C ALA A 133 -16.53 19.73 -22.77
N GLN A 134 -17.84 19.52 -22.76
CA GLN A 134 -18.61 19.60 -21.53
C GLN A 134 -18.52 18.32 -20.70
N ALA A 135 -18.24 17.19 -21.35
CA ALA A 135 -18.12 15.91 -20.67
C ALA A 135 -17.39 14.93 -21.59
N THR A 136 -16.62 14.03 -20.97
CA THR A 136 -15.85 13.02 -21.70
C THR A 136 -16.02 11.68 -21.00
N VAL A 137 -16.31 10.63 -21.76
CA VAL A 137 -16.48 9.29 -21.22
C VAL A 137 -15.20 8.50 -21.44
N LEU A 138 -14.66 7.91 -20.36
CA LEU A 138 -13.61 6.89 -20.51
C LEU A 138 -14.24 5.60 -21.01
N SER A 139 -13.83 5.15 -22.19
CA SER A 139 -14.34 3.90 -22.74
C SER A 139 -13.22 2.87 -22.80
N ALA A 140 -13.62 1.63 -23.11
CA ALA A 140 -12.69 0.53 -23.35
C ALA A 140 -13.35 -0.51 -24.25
N SER A 141 -12.53 -1.28 -24.95
CA SER A 141 -12.98 -2.34 -25.85
C SER A 141 -12.78 -3.70 -25.21
N ILE A 142 -13.85 -4.49 -25.14
CA ILE A 142 -13.82 -5.79 -24.48
C ILE A 142 -14.26 -6.87 -25.46
N GLN A 143 -13.80 -8.10 -25.20
CA GLN A 143 -14.16 -9.23 -26.06
C GLN A 143 -15.63 -9.60 -25.89
N GLN A 144 -16.08 -9.76 -24.64
CA GLN A 144 -17.46 -10.12 -24.34
C GLN A 144 -18.17 -8.90 -23.78
N PRO A 145 -18.86 -8.11 -24.59
CA PRO A 145 -19.46 -6.86 -24.11
C PRO A 145 -20.77 -7.04 -23.36
N TYR A 146 -21.23 -8.27 -23.17
CA TYR A 146 -22.57 -8.49 -22.62
C TYR A 146 -22.76 -7.77 -21.30
N GLY A 147 -23.83 -7.00 -21.21
CA GLY A 147 -24.22 -6.34 -19.99
C GLY A 147 -23.82 -4.88 -19.87
N TYR A 148 -22.76 -4.46 -20.56
CA TYR A 148 -22.25 -3.11 -20.39
C TYR A 148 -22.93 -2.13 -21.35
N GLY A 149 -22.97 -0.86 -20.95
CA GLY A 149 -23.45 0.18 -21.84
C GLY A 149 -22.52 0.36 -23.02
N ARG A 150 -23.08 0.44 -24.23
CA ARG A 150 -22.31 0.49 -25.46
C ARG A 150 -22.15 1.93 -25.93
N ILE A 151 -20.94 2.28 -26.34
CA ILE A 151 -20.68 3.60 -26.92
C ILE A 151 -21.09 3.60 -28.39
N VAL A 152 -22.10 4.41 -28.72
CA VAL A 152 -22.45 4.72 -30.11
C VAL A 152 -21.82 6.06 -30.45
N ARG A 153 -20.93 6.05 -31.44
CA ARG A 153 -20.27 7.28 -31.84
C ARG A 153 -21.03 7.91 -33.02
N ASN A 154 -20.99 9.24 -33.06
CA ASN A 154 -21.59 9.96 -34.17
C ASN A 154 -20.58 10.08 -35.32
N ALA A 155 -20.95 10.83 -36.36
CA ALA A 155 -20.11 10.95 -37.54
C ALA A 155 -18.82 11.69 -37.25
N SER A 156 -18.80 12.55 -36.23
CA SER A 156 -17.61 13.31 -35.86
C SER A 156 -16.67 12.55 -34.95
N GLY A 157 -17.01 11.32 -34.58
CA GLY A 157 -16.24 10.58 -33.60
C GLY A 157 -16.62 10.84 -32.16
N ARG A 158 -17.54 11.78 -31.92
CA ARG A 158 -17.98 12.13 -30.58
C ARG A 158 -19.12 11.18 -30.15
N LEU A 159 -19.56 11.33 -28.91
CA LEU A 159 -20.56 10.43 -28.36
C LEU A 159 -21.93 10.75 -28.93
N GLU A 160 -22.61 9.72 -29.43
CA GLU A 160 -24.00 9.84 -29.82
C GLU A 160 -24.94 9.45 -28.67
N ARG A 161 -24.69 8.29 -28.06
CA ARG A 161 -25.48 7.81 -26.94
C ARG A 161 -24.81 6.58 -26.33
N ILE A 162 -25.04 6.37 -25.04
CA ILE A 162 -24.66 5.15 -24.34
C ILE A 162 -25.90 4.26 -24.25
N VAL A 163 -25.90 3.18 -25.02
CA VAL A 163 -27.04 2.25 -25.02
C VAL A 163 -26.80 1.16 -24.00
N GLU A 164 -27.63 1.11 -22.97
CA GLU A 164 -27.58 -0.01 -22.04
C GLU A 164 -28.12 -1.24 -22.75
N GLU A 165 -27.67 -2.42 -22.28
CA GLU A 165 -28.03 -3.65 -22.97
C GLU A 165 -29.54 -3.91 -22.90
N LYS A 166 -30.17 -3.56 -21.76
CA LYS A 166 -31.61 -3.78 -21.58
C LYS A 166 -32.45 -3.04 -22.62
N ASP A 167 -31.91 -2.02 -23.28
CA ASP A 167 -32.66 -1.23 -24.25
C ASP A 167 -31.86 -1.03 -25.54
N ALA A 168 -31.28 -2.13 -26.06
CA ALA A 168 -30.36 -2.08 -27.19
C ALA A 168 -30.87 -2.96 -28.32
N THR A 169 -30.79 -2.44 -29.55
CA THR A 169 -31.11 -3.26 -30.70
C THR A 169 -29.98 -4.27 -30.95
N GLN A 170 -30.31 -5.28 -31.78
CA GLN A 170 -29.36 -6.37 -32.04
C GLN A 170 -28.05 -5.85 -32.62
N ALA A 171 -28.10 -4.76 -33.40
CA ALA A 171 -26.86 -4.16 -33.91
C ALA A 171 -26.00 -3.61 -32.79
N GLU A 172 -26.58 -2.73 -31.97
CA GLU A 172 -25.81 -2.11 -30.89
C GLU A 172 -25.18 -3.14 -29.97
N LYS A 173 -25.80 -4.32 -29.85
CA LYS A 173 -25.29 -5.37 -28.98
C LYS A 173 -23.95 -5.91 -29.43
N ASP A 174 -23.60 -5.74 -30.71
CA ASP A 174 -22.32 -6.22 -31.23
C ASP A 174 -21.18 -5.24 -31.00
N ILE A 175 -21.47 -4.03 -30.50
CA ILE A 175 -20.42 -3.06 -30.20
C ILE A 175 -19.53 -3.60 -29.09
N ASN A 176 -18.21 -3.53 -29.31
CA ASN A 176 -17.23 -3.95 -28.30
C ASN A 176 -16.76 -2.82 -27.40
N GLU A 177 -16.98 -1.56 -27.80
CA GLU A 177 -16.59 -0.40 -27.00
C GLU A 177 -17.66 -0.12 -25.96
N ILE A 178 -17.27 -0.10 -24.68
CA ILE A 178 -18.24 0.05 -23.61
C ILE A 178 -17.87 1.25 -22.74
N SER A 179 -18.85 1.74 -21.97
CA SER A 179 -18.60 2.81 -21.00
C SER A 179 -17.93 2.22 -19.76
N SER A 180 -16.85 2.87 -19.31
CA SER A 180 -16.21 2.45 -18.07
C SER A 180 -16.93 2.95 -16.83
N GLY A 181 -17.86 3.90 -16.97
CA GLY A 181 -18.44 4.57 -15.84
C GLY A 181 -17.56 5.64 -15.22
N ILE A 182 -16.41 5.92 -15.81
CA ILE A 182 -15.52 6.99 -15.37
C ILE A 182 -15.67 8.15 -16.36
N PHE A 183 -15.96 9.35 -15.84
CA PHE A 183 -16.27 10.52 -16.65
C PHE A 183 -15.43 11.71 -16.22
N ALA A 184 -15.17 12.62 -17.17
CA ALA A 184 -14.65 13.96 -16.89
C ALA A 184 -15.71 14.98 -17.29
N PHE A 185 -15.94 15.98 -16.44
CA PHE A 185 -17.00 16.96 -16.65
C PHE A 185 -16.45 18.38 -16.58
N ASN A 186 -17.06 19.28 -17.33
CA ASN A 186 -17.01 20.69 -16.97
C ASN A 186 -17.74 20.84 -15.64
N ASN A 187 -17.03 21.34 -14.60
CA ASN A 187 -17.59 21.28 -13.26
C ASN A 187 -18.88 22.09 -13.15
N LYS A 188 -18.92 23.25 -13.80
CA LYS A 188 -20.13 24.07 -13.76
C LYS A 188 -21.29 23.34 -14.41
N THR A 189 -21.07 22.79 -15.61
CA THR A 189 -22.14 22.06 -16.28
C THR A 189 -22.63 20.89 -15.45
N LEU A 190 -21.71 20.13 -14.85
CA LEU A 190 -22.09 18.92 -14.13
C LEU A 190 -23.11 19.21 -13.05
N PHE A 191 -22.85 20.22 -12.21
CA PHE A 191 -23.77 20.48 -11.13
C PHE A 191 -25.04 21.16 -11.61
N GLU A 192 -24.97 21.88 -12.74
CA GLU A 192 -26.19 22.41 -13.34
C GLU A 192 -27.11 21.28 -13.79
N LYS A 193 -26.55 20.30 -14.52
CA LYS A 193 -27.38 19.25 -15.09
C LYS A 193 -27.81 18.20 -14.07
N LEU A 194 -27.12 18.14 -12.92
CA LEU A 194 -27.47 17.16 -11.89
C LEU A 194 -28.86 17.43 -11.32
N THR A 195 -29.24 18.71 -11.20
CA THR A 195 -30.58 19.08 -10.76
C THR A 195 -31.66 18.70 -11.77
N GLN A 196 -31.29 18.35 -13.00
CA GLN A 196 -32.23 18.04 -14.06
C GLN A 196 -32.37 16.54 -14.31
N VAL A 197 -31.72 15.72 -13.52
CA VAL A 197 -31.83 14.26 -13.69
C VAL A 197 -33.05 13.80 -12.92
N LYS A 198 -33.81 12.89 -13.51
CA LYS A 198 -34.99 12.32 -12.86
C LYS A 198 -34.73 10.86 -12.52
N ASN A 199 -35.60 10.31 -11.66
CA ASN A 199 -35.51 8.91 -11.28
C ASN A 199 -36.76 8.14 -11.72
N ASP A 200 -37.21 8.42 -12.96
CA ASP A 200 -38.39 7.77 -13.53
C ASP A 200 -38.01 6.39 -14.08
N ASN A 201 -37.68 5.49 -13.15
CA ASN A 201 -37.28 4.13 -13.52
C ASN A 201 -37.72 3.17 -12.43
N ALA A 202 -37.51 1.87 -12.69
CA ALA A 202 -37.95 0.84 -11.76
C ALA A 202 -37.15 0.83 -10.46
N GLN A 203 -35.93 1.37 -10.47
CA GLN A 203 -35.11 1.41 -9.27
C GLN A 203 -35.34 2.65 -8.43
N GLY A 204 -36.00 3.68 -8.98
CA GLY A 204 -36.11 4.94 -8.28
C GLY A 204 -34.82 5.71 -8.16
N GLU A 205 -33.82 5.39 -8.97
CA GLU A 205 -32.49 5.98 -8.83
C GLU A 205 -32.20 7.05 -9.88
N TYR A 206 -31.33 7.98 -9.52
CA TYR A 206 -30.81 9.00 -10.43
C TYR A 206 -29.47 8.51 -10.97
N TYR A 207 -29.41 8.25 -12.27
CA TYR A 207 -28.23 7.68 -12.91
C TYR A 207 -27.37 8.77 -13.54
N LEU A 208 -26.08 8.76 -13.20
CA LEU A 208 -25.15 9.77 -13.71
C LEU A 208 -25.05 9.85 -15.23
N PRO A 209 -25.01 8.76 -16.01
CA PRO A 209 -24.94 8.92 -17.48
C PRO A 209 -26.07 9.77 -18.05
N ASP A 210 -27.18 9.93 -17.32
CA ASP A 210 -28.25 10.81 -17.78
C ASP A 210 -27.73 12.23 -18.00
N VAL A 211 -26.78 12.69 -17.19
CA VAL A 211 -26.17 14.01 -17.39
C VAL A 211 -25.65 14.14 -18.82
N LEU A 212 -25.08 13.08 -19.36
CA LEU A 212 -24.51 13.13 -20.70
C LEU A 212 -25.59 13.40 -21.74
N SER A 213 -26.70 12.67 -21.65
CA SER A 213 -27.77 12.90 -22.60
C SER A 213 -28.31 14.32 -22.50
N LEU A 214 -28.30 14.88 -21.29
CA LEU A 214 -28.75 16.26 -21.08
C LEU A 214 -27.84 17.25 -21.80
N ILE A 215 -26.52 17.08 -21.69
CA ILE A 215 -25.58 17.91 -22.43
C ILE A 215 -25.76 17.73 -23.93
N LEU A 216 -25.94 16.48 -24.38
CA LEU A 216 -26.16 16.24 -25.81
C LEU A 216 -27.40 16.95 -26.32
N ASN A 217 -28.53 16.80 -25.62
CA ASN A 217 -29.75 17.50 -26.03
C ASN A 217 -29.64 19.00 -25.91
N ASP A 218 -28.50 19.54 -25.50
CA ASP A 218 -28.29 20.98 -25.39
C ASP A 218 -27.25 21.48 -26.39
N GLY A 219 -26.75 20.60 -27.26
CA GLY A 219 -25.74 20.97 -28.23
C GLY A 219 -24.33 21.06 -27.69
N GLY A 220 -24.07 20.54 -26.49
CA GLY A 220 -22.73 20.56 -25.95
C GLY A 220 -21.88 19.40 -26.42
N ILE A 221 -20.56 19.58 -26.31
CA ILE A 221 -19.60 18.60 -26.80
C ILE A 221 -19.45 17.51 -25.75
N VAL A 222 -19.62 16.26 -26.17
CA VAL A 222 -19.32 15.10 -25.33
C VAL A 222 -18.36 14.19 -26.07
N GLU A 223 -17.16 14.06 -25.53
CA GLU A 223 -16.06 13.31 -26.11
C GLU A 223 -16.04 11.88 -25.58
N VAL A 224 -15.32 11.02 -26.27
CA VAL A 224 -15.06 9.66 -25.81
C VAL A 224 -13.56 9.44 -25.90
N TYR A 225 -12.94 9.06 -24.79
CA TYR A 225 -11.54 8.65 -24.78
C TYR A 225 -11.47 7.16 -24.43
N ARG A 226 -10.77 6.39 -25.26
CA ARG A 226 -10.69 4.94 -25.11
C ARG A 226 -9.31 4.56 -24.59
N THR A 227 -9.28 3.84 -23.47
CA THR A 227 -8.03 3.29 -22.97
C THR A 227 -7.79 1.93 -23.63
N ASN A 228 -6.52 1.66 -23.96
CA ASN A 228 -6.16 0.38 -24.55
C ASN A 228 -6.06 -0.73 -23.51
N ASP A 229 -6.14 -0.42 -22.21
CA ASP A 229 -6.01 -1.40 -21.14
C ASP A 229 -7.35 -1.56 -20.44
N VAL A 230 -8.13 -2.55 -20.87
CA VAL A 230 -9.44 -2.75 -20.26
C VAL A 230 -9.32 -3.33 -18.86
N GLU A 231 -8.19 -3.96 -18.53
CA GLU A 231 -7.97 -4.44 -17.17
C GLU A 231 -8.08 -3.32 -16.16
N GLU A 232 -7.60 -2.13 -16.53
CA GLU A 232 -7.45 -1.06 -15.55
C GLU A 232 -8.79 -0.51 -15.06
N ILE A 233 -9.88 -0.73 -15.79
CA ILE A 233 -11.18 -0.22 -15.37
C ILE A 233 -11.99 -1.26 -14.59
N MET A 234 -11.38 -2.40 -14.27
CA MET A 234 -11.98 -3.45 -13.46
C MET A 234 -12.67 -2.90 -12.21
N GLY A 235 -13.93 -3.30 -12.02
CA GLY A 235 -14.67 -2.96 -10.82
C GLY A 235 -14.83 -4.17 -9.93
N VAL A 236 -14.26 -4.09 -8.73
CA VAL A 236 -14.24 -5.22 -7.80
C VAL A 236 -15.58 -5.28 -7.06
N ASN A 237 -16.33 -6.37 -7.27
CA ASN A 237 -17.64 -6.53 -6.64
C ASN A 237 -17.74 -7.70 -5.67
N ASP A 238 -16.79 -8.63 -5.68
CA ASP A 238 -16.76 -9.72 -4.71
C ASP A 238 -15.31 -10.07 -4.47
N ARG A 239 -15.07 -11.05 -3.59
CA ARG A 239 -13.71 -11.35 -3.18
C ARG A 239 -12.96 -12.20 -4.20
N VAL A 240 -13.68 -12.88 -5.11
CA VAL A 240 -12.99 -13.51 -6.22
C VAL A 240 -12.37 -12.43 -7.11
N MET A 241 -13.15 -11.40 -7.43
CA MET A 241 -12.66 -10.28 -8.21
C MET A 241 -11.55 -9.53 -7.47
N LEU A 242 -11.68 -9.43 -6.14
CA LEU A 242 -10.61 -8.86 -5.34
C LEU A 242 -9.30 -9.62 -5.58
N SER A 243 -9.37 -10.96 -5.62
CA SER A 243 -8.15 -11.75 -5.85
C SER A 243 -7.66 -11.58 -7.27
N GLN A 244 -8.56 -11.32 -8.23
CA GLN A 244 -8.14 -11.05 -9.60
C GLN A 244 -7.44 -9.70 -9.70
N ALA A 245 -7.86 -8.74 -8.88
CA ALA A 245 -7.17 -7.45 -8.84
C ALA A 245 -5.78 -7.60 -8.26
N GLU A 246 -5.62 -8.47 -7.26
CA GLU A 246 -4.28 -8.67 -6.71
C GLU A 246 -3.35 -9.26 -7.76
N LYS A 247 -3.84 -10.26 -8.49
CA LYS A 247 -3.02 -10.89 -9.52
C LYS A 247 -2.68 -9.90 -10.64
N ALA A 248 -3.63 -9.04 -11.00
CA ALA A 248 -3.37 -8.03 -12.02
C ALA A 248 -2.31 -7.03 -11.55
N MET A 249 -2.44 -6.55 -10.32
CA MET A 249 -1.42 -5.64 -9.80
C MET A 249 -0.08 -6.33 -9.64
N GLN A 250 -0.09 -7.60 -9.23
CA GLN A 250 1.15 -8.35 -9.12
C GLN A 250 1.90 -8.39 -10.45
N ARG A 251 1.19 -8.73 -11.52
CA ARG A 251 1.84 -8.84 -12.81
C ARG A 251 2.34 -7.48 -13.30
N ARG A 252 1.53 -6.42 -13.14
CA ARG A 252 1.96 -5.06 -13.46
C ARG A 252 3.28 -4.70 -12.78
N THR A 253 3.30 -4.82 -11.46
CA THR A 253 4.47 -4.37 -10.70
C THR A 253 5.69 -5.23 -10.99
N ASN A 254 5.52 -6.55 -11.02
CA ASN A 254 6.68 -7.42 -11.19
C ASN A 254 7.31 -7.25 -12.58
N HIS A 255 6.48 -7.16 -13.62
CA HIS A 255 7.00 -6.84 -14.95
C HIS A 255 7.78 -5.52 -14.94
N TYR A 256 7.26 -4.50 -14.25
CA TYR A 256 7.99 -3.23 -14.19
C TYR A 256 9.38 -3.44 -13.61
N HIS A 257 9.48 -4.16 -12.49
CA HIS A 257 10.78 -4.30 -11.83
C HIS A 257 11.74 -5.17 -12.62
N MET A 258 11.24 -6.25 -13.24
CA MET A 258 12.13 -7.09 -14.05
C MET A 258 12.73 -6.28 -15.20
N LEU A 259 11.91 -5.49 -15.89
CA LEU A 259 12.47 -4.72 -17.00
C LEU A 259 13.34 -3.56 -16.50
N ASN A 260 13.29 -3.26 -15.20
CA ASN A 260 14.14 -2.25 -14.59
C ASN A 260 15.39 -2.83 -13.92
N GLY A 261 15.66 -4.12 -14.11
CA GLY A 261 16.89 -4.73 -13.64
C GLY A 261 16.81 -5.52 -12.35
N VAL A 262 15.61 -5.89 -11.91
CA VAL A 262 15.44 -6.69 -10.70
C VAL A 262 15.16 -8.12 -11.14
N THR A 263 15.93 -9.07 -10.63
CA THR A 263 15.62 -10.48 -10.83
C THR A 263 14.56 -10.94 -9.84
N ILE A 264 13.47 -11.51 -10.36
CA ILE A 264 12.41 -12.07 -9.56
C ILE A 264 12.29 -13.55 -9.94
N ILE A 265 12.66 -14.43 -9.01
CA ILE A 265 12.82 -15.84 -9.35
C ILE A 265 11.48 -16.45 -9.74
N ASP A 266 10.40 -16.15 -9.00
CA ASP A 266 9.06 -16.64 -9.32
C ASP A 266 8.05 -15.52 -9.19
N PRO A 267 7.81 -14.73 -10.25
CA PRO A 267 6.92 -13.57 -10.11
C PRO A 267 5.48 -13.92 -9.77
N ASP A 268 5.04 -15.15 -10.02
CA ASP A 268 3.67 -15.54 -9.64
C ASP A 268 3.50 -15.66 -8.14
N SER A 269 4.61 -15.82 -7.41
CA SER A 269 4.57 -16.02 -5.95
C SER A 269 5.26 -14.88 -5.21
N THR A 270 5.49 -13.74 -5.85
CA THR A 270 6.22 -12.63 -5.27
C THR A 270 5.29 -11.44 -5.27
N TYR A 271 5.21 -10.75 -4.14
CA TYR A 271 4.18 -9.73 -3.93
C TYR A 271 4.89 -8.44 -3.57
N ILE A 272 4.94 -7.50 -4.50
CA ILE A 272 5.61 -6.22 -4.28
C ILE A 272 4.58 -5.11 -4.44
N GLY A 273 4.33 -4.36 -3.36
CA GLY A 273 3.37 -3.28 -3.42
C GLY A 273 3.80 -2.13 -4.34
N PRO A 274 2.87 -1.21 -4.62
CA PRO A 274 3.15 -0.15 -5.62
C PRO A 274 4.04 0.96 -5.11
N ASP A 275 4.23 1.10 -3.80
CA ASP A 275 5.09 2.15 -3.27
C ASP A 275 6.49 1.64 -2.91
N VAL A 276 6.86 0.49 -3.43
CA VAL A 276 8.21 -0.05 -3.20
C VAL A 276 9.13 0.37 -4.33
N THR A 277 10.34 0.81 -3.98
CA THR A 277 11.38 1.03 -4.99
C THR A 277 12.51 0.03 -4.79
N ILE A 278 12.98 -0.55 -5.87
CA ILE A 278 14.00 -1.59 -5.82
C ILE A 278 15.11 -1.28 -6.82
N GLY A 279 16.36 -1.23 -6.32
CA GLY A 279 17.49 -0.96 -7.18
C GLY A 279 17.90 -2.15 -8.02
N SER A 280 18.67 -1.85 -9.06
CA SER A 280 19.03 -2.88 -10.02
C SER A 280 20.01 -3.89 -9.42
N ASP A 281 20.07 -5.05 -10.06
CA ASP A 281 20.88 -6.23 -9.71
C ASP A 281 20.46 -6.84 -8.39
N THR A 282 19.31 -6.45 -7.87
CA THR A 282 18.71 -7.08 -6.70
C THR A 282 18.01 -8.37 -7.10
N VAL A 283 18.06 -9.35 -6.22
CA VAL A 283 17.40 -10.63 -6.46
C VAL A 283 16.30 -10.81 -5.41
N ILE A 284 15.09 -11.08 -5.88
CA ILE A 284 13.95 -11.37 -5.02
C ILE A 284 13.62 -12.86 -5.17
N GLU A 285 13.75 -13.61 -4.08
CA GLU A 285 13.44 -15.04 -4.10
C GLU A 285 11.95 -15.30 -3.91
N PRO A 286 11.50 -16.55 -4.15
CA PRO A 286 10.05 -16.83 -4.15
C PRO A 286 9.39 -16.55 -2.81
N GLY A 287 8.12 -16.16 -2.89
CA GLY A 287 7.29 -16.01 -1.72
C GLY A 287 7.49 -14.70 -1.00
N VAL A 288 8.45 -13.88 -1.41
CA VAL A 288 8.73 -12.63 -0.72
C VAL A 288 7.56 -11.66 -0.86
N ARG A 289 7.21 -11.02 0.26
N ARG A 289 7.26 -10.98 0.25
CA ARG A 289 6.16 -10.02 0.32
CA ARG A 289 6.16 -10.03 0.34
C ARG A 289 6.76 -8.71 0.81
C ARG A 289 6.74 -8.69 0.83
N ILE A 290 6.68 -7.68 -0.04
CA ILE A 290 7.28 -6.36 0.25
C ILE A 290 6.23 -5.28 0.06
N ASN A 291 5.92 -4.53 1.12
CA ASN A 291 4.77 -3.62 1.06
C ASN A 291 5.08 -2.34 1.82
N GLY A 292 4.12 -1.40 1.76
CA GLY A 292 4.32 -0.07 2.37
C GLY A 292 5.31 0.72 1.53
N ARG A 293 5.83 1.79 2.12
CA ARG A 293 6.84 2.64 1.49
C ARG A 293 8.21 2.05 1.81
N THR A 294 8.68 1.15 0.94
CA THR A 294 9.95 0.45 1.14
C THR A 294 10.93 0.82 0.04
N GLU A 295 12.18 1.04 0.43
CA GLU A 295 13.28 1.34 -0.51
C GLU A 295 14.34 0.27 -0.38
N ILE A 296 14.59 -0.45 -1.47
CA ILE A 296 15.64 -1.48 -1.51
C ILE A 296 16.75 -1.04 -2.46
N GLY A 297 17.99 -1.10 -2.00
CA GLY A 297 19.13 -0.67 -2.81
C GLY A 297 19.55 -1.66 -3.88
N GLU A 298 20.67 -1.36 -4.54
CA GLU A 298 21.22 -2.29 -5.54
C GLU A 298 21.90 -3.47 -4.87
N ASP A 299 21.99 -4.57 -5.62
CA ASP A 299 22.76 -5.77 -5.23
C ASP A 299 22.26 -6.41 -3.92
N VAL A 300 21.02 -6.23 -3.59
CA VAL A 300 20.39 -6.85 -2.43
C VAL A 300 19.88 -8.22 -2.79
N VAL A 301 19.91 -9.16 -1.83
CA VAL A 301 19.17 -10.42 -1.95
C VAL A 301 18.08 -10.44 -0.89
N ILE A 302 16.83 -10.55 -1.31
CA ILE A 302 15.73 -10.79 -0.37
C ILE A 302 15.37 -12.27 -0.49
N GLY A 303 15.65 -13.03 0.57
CA GLY A 303 15.50 -14.47 0.51
C GLY A 303 14.07 -14.92 0.73
N GLN A 304 13.82 -16.16 0.33
CA GLN A 304 12.48 -16.73 0.22
C GLN A 304 11.64 -16.53 1.48
N TYR A 305 10.36 -16.22 1.25
CA TYR A 305 9.30 -16.16 2.26
C TYR A 305 9.59 -15.09 3.33
N SER A 306 10.34 -14.06 2.97
CA SER A 306 10.48 -12.90 3.84
C SER A 306 9.28 -11.97 3.74
N GLU A 307 9.09 -11.17 4.78
CA GLU A 307 8.06 -10.12 4.75
C GLU A 307 8.70 -8.81 5.17
N ILE A 308 8.60 -7.78 4.31
CA ILE A 308 9.25 -6.51 4.60
C ILE A 308 8.23 -5.40 4.37
N ASN A 309 8.00 -4.56 5.40
CA ASN A 309 7.02 -3.50 5.29
C ASN A 309 7.64 -2.19 5.77
N ASN A 310 7.44 -1.12 5.00
CA ASN A 310 7.85 0.24 5.42
C ASN A 310 9.30 0.31 5.92
N SER A 311 10.23 -0.21 5.13
CA SER A 311 11.61 -0.31 5.59
C SER A 311 12.59 0.18 4.53
N THR A 312 13.83 0.39 4.96
CA THR A 312 14.93 0.76 4.08
C THR A 312 16.02 -0.30 4.16
N ILE A 313 16.41 -0.83 3.01
CA ILE A 313 17.45 -1.86 2.91
C ILE A 313 18.53 -1.37 1.96
N GLU A 314 19.74 -1.18 2.48
CA GLU A 314 20.78 -0.59 1.64
C GLU A 314 21.48 -1.62 0.78
N ASN A 315 22.36 -1.11 -0.07
CA ASN A 315 23.00 -1.95 -1.09
C ASN A 315 23.79 -3.11 -0.50
N GLY A 316 23.72 -4.24 -1.17
CA GLY A 316 24.48 -5.42 -0.77
C GLY A 316 23.92 -6.19 0.42
N ALA A 317 22.81 -5.76 1.00
CA ALA A 317 22.26 -6.47 2.15
C ALA A 317 21.61 -7.77 1.73
N CYS A 318 21.50 -8.68 2.70
CA CYS A 318 20.89 -9.99 2.50
C CYS A 318 19.87 -10.21 3.61
N ILE A 319 18.61 -10.42 3.23
CA ILE A 319 17.50 -10.67 4.16
C ILE A 319 16.99 -12.07 3.87
N GLN A 320 17.13 -12.99 4.82
CA GLN A 320 16.71 -14.38 4.62
C GLN A 320 15.52 -14.75 5.47
N GLN A 321 14.43 -15.24 4.83
CA GLN A 321 13.20 -15.69 5.52
C GLN A 321 12.99 -15.01 6.88
N SER A 322 12.72 -13.72 6.86
CA SER A 322 12.69 -12.89 8.06
C SER A 322 11.51 -11.96 7.96
N VAL A 323 11.18 -11.31 9.08
CA VAL A 323 10.09 -10.35 9.13
C VAL A 323 10.66 -9.02 9.56
N VAL A 324 10.38 -7.98 8.77
CA VAL A 324 11.03 -6.68 8.90
C VAL A 324 9.95 -5.61 8.80
N ASN A 325 9.75 -4.83 9.87
CA ASN A 325 8.75 -3.75 9.87
C ASN A 325 9.36 -2.46 10.38
N ASP A 326 9.23 -1.39 9.61
CA ASP A 326 9.61 -0.02 10.01
C ASP A 326 11.07 0.05 10.50
N ALA A 327 11.96 -0.55 9.73
CA ALA A 327 13.33 -0.75 10.17
C ALA A 327 14.26 -0.22 9.10
N SER A 328 15.52 -0.04 9.48
CA SER A 328 16.55 0.31 8.51
C SER A 328 17.73 -0.67 8.60
N VAL A 329 18.21 -1.09 7.43
CA VAL A 329 19.30 -2.07 7.34
C VAL A 329 20.40 -1.48 6.47
N GLY A 330 21.60 -1.33 7.05
CA GLY A 330 22.71 -0.72 6.32
C GLY A 330 23.39 -1.62 5.30
N ALA A 331 24.39 -1.05 4.63
CA ALA A 331 25.02 -1.73 3.49
C ALA A 331 25.73 -3.02 3.92
N ASN A 332 25.56 -4.07 3.11
CA ASN A 332 26.22 -5.37 3.29
C ASN A 332 25.88 -6.05 4.62
N THR A 333 24.74 -5.73 5.18
CA THR A 333 24.31 -6.34 6.43
C THR A 333 23.49 -7.59 6.15
N LYS A 334 23.61 -8.58 7.03
CA LYS A 334 22.98 -9.89 6.83
C LYS A 334 22.00 -10.17 7.96
N VAL A 335 20.77 -10.56 7.58
CA VAL A 335 19.67 -10.72 8.53
C VAL A 335 19.01 -12.06 8.27
N GLY A 336 18.93 -12.91 9.29
CA GLY A 336 18.19 -14.16 9.17
C GLY A 336 19.10 -15.35 8.97
N PRO A 337 18.53 -16.54 8.70
CA PRO A 337 17.10 -16.84 8.54
C PRO A 337 16.32 -16.80 9.84
N PHE A 338 15.02 -16.56 9.76
CA PHE A 338 14.15 -16.57 10.93
C PHE A 338 14.58 -15.52 11.96
N ALA A 339 14.77 -14.26 11.53
CA ALA A 339 14.96 -13.14 12.43
C ALA A 339 13.78 -12.17 12.35
N GLN A 340 13.62 -11.33 13.37
CA GLN A 340 12.58 -10.30 13.29
C GLN A 340 13.14 -8.94 13.62
N LEU A 341 12.98 -8.00 12.71
CA LEU A 341 13.29 -6.60 12.99
C LEU A 341 11.97 -5.86 13.20
N ARG A 342 11.77 -5.36 14.39
CA ARG A 342 10.55 -4.65 14.76
C ARG A 342 10.73 -3.15 14.60
N PRO A 343 9.64 -2.39 14.62
CA PRO A 343 9.75 -0.93 14.40
C PRO A 343 10.89 -0.28 15.20
N GLY A 344 11.66 0.57 14.52
CA GLY A 344 12.76 1.24 15.16
C GLY A 344 14.06 0.48 15.19
N ALA A 345 14.10 -0.73 14.65
CA ALA A 345 15.38 -1.41 14.53
C ALA A 345 16.22 -0.67 13.51
N GLN A 346 17.44 -0.33 13.88
CA GLN A 346 18.34 0.37 12.96
C GLN A 346 19.69 -0.35 12.96
N LEU A 347 20.02 -1.02 11.86
CA LEU A 347 21.25 -1.79 11.74
C LEU A 347 22.22 -1.03 10.86
N GLY A 348 23.45 -0.89 11.33
CA GLY A 348 24.49 -0.25 10.54
C GLY A 348 24.99 -1.13 9.41
N ALA A 349 26.15 -0.75 8.88
CA ALA A 349 26.75 -1.50 7.79
C ALA A 349 27.52 -2.70 8.30
N ASP A 350 27.56 -3.75 7.49
CA ASP A 350 28.31 -4.96 7.81
C ASP A 350 27.88 -5.58 9.14
N VAL A 351 26.63 -5.40 9.54
CA VAL A 351 26.08 -6.00 10.76
C VAL A 351 25.59 -7.42 10.47
N LYS A 352 25.64 -8.28 11.48
CA LYS A 352 25.03 -9.60 11.35
C LYS A 352 23.97 -9.81 12.42
N VAL A 353 22.76 -10.16 11.97
CA VAL A 353 21.64 -10.52 12.85
C VAL A 353 21.20 -11.92 12.43
N GLY A 354 21.46 -12.90 13.30
CA GLY A 354 21.39 -14.30 12.96
C GLY A 354 20.02 -14.90 13.22
N ASN A 355 19.95 -16.24 13.15
CA ASN A 355 18.66 -16.89 13.30
C ASN A 355 18.11 -16.73 14.70
N PHE A 356 16.78 -16.58 14.78
CA PHE A 356 16.04 -16.49 16.04
C PHE A 356 16.50 -15.29 16.87
N VAL A 357 16.75 -14.17 16.21
CA VAL A 357 17.07 -12.91 16.89
C VAL A 357 15.97 -11.91 16.64
N GLU A 358 15.63 -11.16 17.68
CA GLU A 358 14.62 -10.10 17.61
C GLU A 358 15.25 -8.75 17.95
N ILE A 359 15.07 -7.76 17.09
CA ILE A 359 15.60 -6.41 17.31
C ILE A 359 14.43 -5.43 17.34
N LYS A 360 14.34 -4.60 18.38
CA LYS A 360 13.25 -3.63 18.48
C LYS A 360 13.74 -2.31 19.08
N LYS A 361 13.49 -1.19 18.39
CA LYS A 361 13.90 0.15 18.87
C LYS A 361 15.36 0.13 19.37
N ALA A 362 16.25 -0.25 18.49
CA ALA A 362 17.62 -0.51 18.88
C ALA A 362 18.51 -0.11 17.72
N ASP A 363 19.71 0.36 18.06
CA ASP A 363 20.69 0.87 17.09
C ASP A 363 21.91 -0.03 17.18
N LEU A 364 22.20 -0.76 16.10
CA LEU A 364 23.33 -1.67 16.04
C LEU A 364 24.36 -1.00 15.14
N LYS A 365 25.49 -0.56 15.72
CA LYS A 365 26.46 0.15 14.90
C LYS A 365 27.22 -0.80 13.98
N ASP A 366 28.05 -0.21 13.11
CA ASP A 366 28.72 -0.96 12.05
C ASP A 366 29.53 -2.12 12.60
N GLY A 367 29.43 -3.27 11.93
CA GLY A 367 30.20 -4.44 12.32
C GLY A 367 29.67 -5.23 13.52
N ALA A 368 28.62 -4.75 14.18
CA ALA A 368 28.10 -5.46 15.35
C ALA A 368 27.51 -6.79 14.94
N LYS A 369 27.63 -7.79 15.81
CA LYS A 369 27.15 -9.15 15.52
C LYS A 369 26.24 -9.65 16.63
N VAL A 370 25.01 -9.99 16.27
CA VAL A 370 24.06 -10.65 17.16
C VAL A 370 23.62 -11.92 16.44
N SER A 371 24.31 -13.03 16.67
CA SER A 371 24.20 -14.16 15.77
C SER A 371 23.12 -15.17 16.12
N HIS A 372 22.58 -15.22 17.35
CA HIS A 372 21.54 -16.23 17.56
C HIS A 372 20.78 -16.04 18.86
N LEU A 373 19.49 -16.32 18.78
CA LEU A 373 18.66 -16.57 19.97
C LEU A 373 18.74 -15.42 20.99
N SER A 374 18.71 -14.19 20.51
CA SER A 374 18.85 -13.02 21.37
C SER A 374 17.73 -12.03 21.16
N TYR A 375 17.51 -11.20 22.18
CA TYR A 375 16.58 -10.09 22.08
C TYR A 375 17.28 -8.80 22.43
N ILE A 376 17.19 -7.81 21.53
CA ILE A 376 17.81 -6.48 21.70
C ILE A 376 16.70 -5.44 21.58
N GLY A 377 16.38 -4.79 22.68
CA GLY A 377 15.30 -3.80 22.68
C GLY A 377 15.71 -2.56 23.44
N ASP A 378 15.36 -1.39 22.88
CA ASP A 378 15.62 -0.11 23.55
C ASP A 378 17.10 0.03 23.92
N ALA A 379 17.95 -0.12 22.92
CA ALA A 379 19.35 -0.39 23.23
C ALA A 379 20.21 0.21 22.12
N VAL A 380 21.48 0.39 22.45
CA VAL A 380 22.50 0.84 21.50
C VAL A 380 23.67 -0.12 21.63
N ILE A 381 24.07 -0.71 20.51
CA ILE A 381 25.18 -1.66 20.45
C ILE A 381 26.29 -1.06 19.61
N GLY A 382 27.47 -0.84 20.22
CA GLY A 382 28.55 -0.12 19.55
C GLY A 382 29.22 -0.91 18.45
N GLU A 383 30.11 -0.23 17.71
CA GLU A 383 30.80 -0.82 16.57
C GLU A 383 31.56 -2.10 16.96
N ARG A 384 31.42 -3.12 16.13
CA ARG A 384 32.17 -4.38 16.18
C ARG A 384 31.90 -5.17 17.46
N THR A 385 30.92 -4.78 18.26
CA THR A 385 30.63 -5.52 19.47
C THR A 385 29.91 -6.82 19.16
N ASN A 386 30.28 -7.87 19.90
CA ASN A 386 29.73 -9.22 19.72
C ASN A 386 28.77 -9.54 20.86
N ILE A 387 27.54 -9.89 20.52
CA ILE A 387 26.53 -10.25 21.50
C ILE A 387 26.36 -11.76 21.42
N GLY A 388 26.73 -12.46 22.49
CA GLY A 388 26.70 -13.92 22.46
C GLY A 388 25.29 -14.48 22.35
N CYS A 389 25.23 -15.78 22.05
CA CYS A 389 23.95 -16.49 21.95
C CYS A 389 23.16 -16.43 23.25
N GLY A 390 21.83 -16.33 23.13
CA GLY A 390 20.96 -16.39 24.30
C GLY A 390 20.93 -15.13 25.16
N THR A 391 21.50 -14.04 24.70
CA THR A 391 21.62 -12.83 25.51
C THR A 391 20.43 -11.89 25.35
N ILE A 392 20.10 -11.19 26.43
CA ILE A 392 18.88 -10.39 26.45
C ILE A 392 19.12 -9.02 27.06
N THR A 393 18.65 -7.97 26.38
CA THR A 393 18.42 -6.67 27.01
C THR A 393 17.10 -6.70 27.78
N VAL A 394 17.20 -6.71 29.10
CA VAL A 394 16.02 -6.79 29.96
C VAL A 394 15.45 -5.38 30.14
N ASN A 395 14.55 -4.98 29.23
CA ASN A 395 14.20 -3.56 29.07
C ASN A 395 12.90 -3.17 29.77
N TYR A 396 12.06 -4.14 30.13
CA TYR A 396 10.72 -3.87 30.65
C TYR A 396 10.62 -4.39 32.07
N ASP A 397 10.08 -3.58 32.97
CA ASP A 397 9.97 -3.97 34.37
C ASP A 397 8.51 -4.15 34.80
N GLY A 398 7.60 -4.26 33.84
CA GLY A 398 6.18 -4.31 34.14
C GLY A 398 5.53 -2.97 34.32
N GLU A 399 6.30 -1.87 34.23
CA GLU A 399 5.76 -0.53 34.37
C GLU A 399 6.32 0.38 33.29
N ASN A 400 7.65 0.36 33.11
CA ASN A 400 8.32 1.23 32.15
C ASN A 400 9.32 0.43 31.33
N LYS A 401 9.86 1.07 30.31
CA LYS A 401 10.93 0.51 29.50
C LYS A 401 12.20 1.32 29.72
N PHE A 402 13.34 0.64 29.82
CA PHE A 402 14.61 1.27 30.16
C PHE A 402 15.68 0.89 29.14
N LYS A 403 16.68 1.76 29.01
CA LYS A 403 17.64 1.66 27.91
C LYS A 403 18.91 0.92 28.33
N THR A 404 19.50 0.23 27.36
CA THR A 404 20.77 -0.45 27.53
C THR A 404 21.79 0.12 26.56
N ILE A 405 22.98 0.42 27.04
CA ILE A 405 24.06 0.92 26.19
C ILE A 405 25.22 -0.06 26.26
N VAL A 406 25.65 -0.55 25.12
CA VAL A 406 26.85 -1.37 25.06
C VAL A 406 27.85 -0.63 24.18
N GLY A 407 29.08 -0.52 24.67
CA GLY A 407 30.12 0.18 23.94
C GLY A 407 30.64 -0.59 22.74
N LYS A 408 31.76 -0.11 22.21
CA LYS A 408 32.35 -0.71 21.02
C LYS A 408 33.44 -1.72 21.36
N ASP A 409 33.63 -2.68 20.47
CA ASP A 409 34.66 -3.73 20.61
C ASP A 409 34.49 -4.50 21.91
N SER A 410 33.25 -4.73 22.30
CA SER A 410 32.97 -5.48 23.51
C SER A 410 32.48 -6.86 23.15
N PHE A 411 32.49 -7.74 24.16
CA PHE A 411 32.18 -9.16 23.99
C PHE A 411 31.22 -9.54 25.10
N VAL A 412 29.93 -9.57 24.80
CA VAL A 412 28.93 -9.98 25.78
C VAL A 412 28.71 -11.47 25.62
N GLY A 413 29.04 -12.23 26.66
CA GLY A 413 28.99 -13.66 26.60
C GLY A 413 27.58 -14.19 26.43
N CYS A 414 27.49 -15.51 26.32
CA CYS A 414 26.24 -16.22 26.10
C CYS A 414 25.37 -16.21 27.34
N ASN A 415 24.05 -16.18 27.10
CA ASN A 415 23.05 -16.27 28.17
C ASN A 415 23.24 -15.19 29.23
N VAL A 416 23.62 -13.99 28.80
CA VAL A 416 23.75 -12.82 29.67
C VAL A 416 22.45 -12.01 29.68
N ASN A 417 22.07 -11.52 30.85
CA ASN A 417 20.91 -10.65 30.99
C ASN A 417 21.42 -9.27 31.36
N LEU A 418 21.14 -8.28 30.52
CA LEU A 418 21.53 -6.90 30.79
C LEU A 418 20.30 -6.21 31.36
N VAL A 419 20.31 -5.95 32.66
CA VAL A 419 19.12 -5.44 33.35
C VAL A 419 19.16 -3.91 33.26
N ALA A 420 18.36 -3.36 32.36
CA ALA A 420 18.37 -1.92 32.10
C ALA A 420 17.68 -1.14 33.24
N PRO A 421 18.05 0.14 33.41
CA PRO A 421 19.09 0.89 32.68
C PRO A 421 20.49 0.46 33.10
N VAL A 422 21.39 0.27 32.13
CA VAL A 422 22.73 -0.20 32.43
C VAL A 422 23.61 0.18 31.25
N THR A 423 24.88 0.43 31.54
CA THR A 423 25.85 0.81 30.52
C THR A 423 27.06 -0.10 30.59
N ILE A 424 27.38 -0.72 29.47
CA ILE A 424 28.57 -1.55 29.32
C ILE A 424 29.57 -0.77 28.48
N GLY A 425 30.80 -0.64 28.97
CA GLY A 425 31.80 0.17 28.30
C GLY A 425 32.38 -0.46 27.04
N ASP A 426 33.44 0.18 26.54
CA ASP A 426 34.19 -0.31 25.39
C ASP A 426 35.22 -1.35 25.83
N ASP A 427 35.55 -2.26 24.91
CA ASP A 427 36.52 -3.33 25.16
C ASP A 427 36.25 -4.06 26.47
N VAL A 428 34.99 -4.39 26.68
CA VAL A 428 34.53 -5.11 27.87
C VAL A 428 34.24 -6.56 27.51
N LEU A 429 34.54 -7.48 28.44
CA LEU A 429 34.09 -8.87 28.35
C LEU A 429 33.10 -9.12 29.48
N VAL A 430 31.91 -9.61 29.13
CA VAL A 430 30.94 -10.06 30.13
C VAL A 430 30.87 -11.58 30.03
N ALA A 431 31.17 -12.28 31.14
CA ALA A 431 31.25 -13.73 31.14
C ALA A 431 29.90 -14.36 30.90
N ALA A 432 29.91 -15.53 30.26
CA ALA A 432 28.67 -16.23 29.93
C ALA A 432 27.87 -16.54 31.19
N GLY A 433 26.55 -16.37 31.10
CA GLY A 433 25.68 -16.71 32.20
C GLY A 433 25.50 -15.63 33.25
N SER A 434 25.91 -14.40 32.96
CA SER A 434 25.89 -13.33 33.94
C SER A 434 24.61 -12.53 33.87
N THR A 435 24.04 -12.24 35.02
CA THR A 435 22.99 -11.22 35.11
C THR A 435 23.67 -9.93 35.55
N ILE A 436 23.67 -8.94 34.68
CA ILE A 436 24.39 -7.69 34.90
C ILE A 436 23.40 -6.63 35.36
N THR A 437 23.57 -6.17 36.60
CA THR A 437 22.75 -5.11 37.17
C THR A 437 23.47 -3.76 37.25
N ASP A 438 24.81 -3.76 37.26
CA ASP A 438 25.62 -2.57 37.50
C ASP A 438 26.37 -2.16 36.25
N ASP A 439 26.58 -0.85 36.09
CA ASP A 439 27.40 -0.35 34.99
C ASP A 439 28.80 -0.96 35.00
N VAL A 440 29.36 -1.17 33.81
CA VAL A 440 30.67 -1.79 33.65
C VAL A 440 31.58 -0.84 32.89
N PRO A 441 32.70 -0.40 33.48
CA PRO A 441 33.56 0.59 32.81
C PRO A 441 34.33 -0.01 31.65
N ASN A 442 34.96 0.86 30.86
CA ASN A 442 35.82 0.42 29.76
C ASN A 442 36.88 -0.55 30.25
N ASP A 443 37.28 -1.47 29.35
CA ASP A 443 38.38 -2.42 29.54
C ASP A 443 38.24 -3.25 30.82
N SER A 444 37.06 -3.83 30.99
CA SER A 444 36.74 -4.55 32.21
C SER A 444 36.25 -5.96 31.90
N LEU A 445 36.40 -6.83 32.90
CA LEU A 445 35.75 -8.13 32.95
C LEU A 445 34.62 -8.07 33.97
N ALA A 446 33.42 -8.52 33.58
CA ALA A 446 32.29 -8.57 34.49
C ALA A 446 31.74 -9.99 34.52
N VAL A 447 31.46 -10.50 35.71
CA VAL A 447 30.99 -11.88 35.86
C VAL A 447 29.99 -11.96 37.02
N ALA A 448 28.95 -12.78 36.85
CA ALA A 448 27.90 -12.90 37.87
C ALA A 448 27.29 -14.29 37.72
N ARG A 449 28.01 -15.30 38.20
CA ARG A 449 27.54 -16.66 38.05
C ARG A 449 28.18 -17.52 39.11
N ALA A 450 27.53 -18.63 39.42
CA ALA A 450 28.07 -19.57 40.40
C ALA A 450 29.22 -20.36 39.79
N ARG A 451 30.15 -20.75 40.64
CA ARG A 451 31.21 -21.65 40.21
C ARG A 451 30.68 -23.09 40.19
N GLN A 452 31.39 -23.95 39.46
CA GLN A 452 30.93 -25.29 39.17
C GLN A 452 31.23 -26.28 40.30
N THR A 453 30.24 -27.08 40.67
CA THR A 453 30.39 -28.24 41.54
C THR A 453 30.20 -29.51 40.74
N THR A 454 31.18 -30.41 40.81
CA THR A 454 31.14 -31.70 40.10
C THR A 454 31.07 -32.82 41.13
N LYS A 455 29.98 -33.59 41.09
CA LYS A 455 29.74 -34.70 42.01
C LYS A 455 29.98 -36.01 41.26
N GLU A 456 31.24 -36.41 41.19
CA GLU A 456 31.63 -37.63 40.50
C GLU A 456 31.00 -38.86 41.15
N GLY A 457 30.49 -39.76 40.32
CA GLY A 457 29.87 -40.97 40.82
C GLY A 457 28.60 -40.75 41.61
N TYR A 458 28.11 -39.50 41.68
CA TYR A 458 26.80 -39.27 42.28
C TYR A 458 25.75 -40.16 41.65
N ARG A 459 25.92 -40.46 40.37
CA ARG A 459 25.08 -41.35 39.58
C ARG A 459 25.81 -42.66 39.28
N LYS A 460 26.52 -43.18 40.28
CA LYS A 460 27.24 -44.44 40.12
C LYS A 460 26.26 -45.57 39.85
#